data_6DZA
#
_entry.id   6DZA
#
_entity_poly.entity_id   1
_entity_poly.type   'polypeptide(L)'
_entity_poly.pdbx_seq_one_letter_code
;GSKRFRF(DPR)PEIIFNER
;
_entity_poly.pdbx_strand_id   A
#
# COMPACT_ATOMS: atom_id res chain seq x y z
N GLY A 1 5.52 -5.78 0.91
CA GLY A 1 5.36 -6.50 -0.34
C GLY A 1 5.78 -5.63 -1.53
N SER A 2 4.95 -4.65 -1.86
CA SER A 2 5.23 -3.75 -2.97
C SER A 2 5.00 -2.31 -2.58
N LYS A 3 3.87 -1.77 -3.01
CA LYS A 3 3.53 -0.39 -2.70
C LYS A 3 2.55 -0.33 -1.54
N ARG A 4 2.87 -1.05 -0.47
CA ARG A 4 1.99 -1.08 0.71
C ARG A 4 2.08 0.24 1.46
N PHE A 5 1.50 1.29 0.91
CA PHE A 5 1.53 2.61 1.55
C PHE A 5 0.64 3.60 0.81
N ARG A 6 0.69 4.86 1.24
CA ARG A 6 -0.10 5.91 0.63
C ARG A 6 -0.16 5.74 -0.89
N PHE A 7 -1.33 5.97 -1.47
CA PHE A 7 -1.50 5.83 -2.90
C PHE A 7 -2.66 6.71 -3.40
N PRO A 9 -6.13 9.03 -3.38
CA PRO A 9 -7.43 8.86 -2.68
C PRO A 9 -7.59 7.47 -2.07
N GLU A 10 -6.61 6.61 -2.32
CA GLU A 10 -6.65 5.25 -1.79
C GLU A 10 -5.27 4.85 -1.27
N ILE A 11 -5.25 3.87 -0.36
CA ILE A 11 -3.99 3.40 0.20
C ILE A 11 -4.04 1.90 0.47
N ILE A 12 -2.90 1.25 0.34
CA ILE A 12 -2.81 -0.19 0.57
C ILE A 12 -1.77 -0.48 1.66
N PHE A 13 -2.19 -1.25 2.67
CA PHE A 13 -1.29 -1.58 3.77
C PHE A 13 -1.61 -2.98 4.30
N ASN A 14 -0.58 -3.83 4.35
CA ASN A 14 -0.77 -5.19 4.85
C ASN A 14 0.48 -6.03 4.58
N GLU A 15 1.39 -6.04 5.55
CA GLU A 15 2.63 -6.81 5.41
C GLU A 15 3.42 -6.34 4.19
N ARG A 16 4.68 -5.97 4.41
CA ARG A 16 5.53 -5.51 3.33
C ARG A 16 5.34 -6.37 2.08
N GLY A 1 5.21 -6.34 2.42
CA GLY A 1 5.89 -5.53 1.40
C GLY A 1 4.91 -5.08 0.33
N SER A 2 4.72 -5.92 -0.69
CA SER A 2 3.81 -5.60 -1.78
C SER A 2 4.00 -4.15 -2.22
N LYS A 3 5.16 -3.59 -1.91
CA LYS A 3 5.45 -2.20 -2.28
C LYS A 3 4.28 -1.30 -1.92
N ARG A 4 4.15 -1.01 -0.63
CA ARG A 4 3.06 -0.14 -0.16
C ARG A 4 2.91 1.07 -1.08
N PHE A 5 1.67 1.42 -1.37
CA PHE A 5 1.39 2.56 -2.24
C PHE A 5 0.34 3.48 -1.62
N ARG A 6 0.80 4.60 -1.07
CA ARG A 6 -0.11 5.55 -0.44
C ARG A 6 -0.59 6.58 -1.48
N PHE A 7 -1.84 6.99 -1.36
CA PHE A 7 -2.41 7.96 -2.27
C PHE A 7 -3.74 8.53 -1.75
N PRO A 9 -7.03 9.25 -1.30
CA PRO A 9 -8.26 8.49 -1.71
C PRO A 9 -7.93 7.12 -2.30
N GLU A 10 -6.85 6.53 -1.82
CA GLU A 10 -6.44 5.21 -2.30
C GLU A 10 -5.12 4.79 -1.64
N ILE A 11 -5.13 3.63 -0.99
CA ILE A 11 -3.94 3.14 -0.32
C ILE A 11 -3.79 1.63 -0.54
N ILE A 12 -2.54 1.19 -0.64
CA ILE A 12 -2.25 -0.23 -0.85
C ILE A 12 -1.20 -0.71 0.16
N PHE A 13 -1.50 -0.53 1.44
CA PHE A 13 -0.58 -0.93 2.50
C PHE A 13 -0.74 -2.42 2.79
N ASN A 14 0.38 -3.10 3.07
CA ASN A 14 0.35 -4.52 3.38
C ASN A 14 1.25 -4.84 4.57
N GLU A 15 0.93 -5.91 5.27
CA GLU A 15 1.73 -6.31 6.44
C GLU A 15 2.92 -7.15 6.01
N ARG A 16 3.73 -6.61 5.10
CA ARG A 16 4.90 -7.32 4.61
C ARG A 16 5.70 -6.44 3.65
N GLY A 1 4.21 -8.67 0.03
CA GLY A 1 4.44 -8.88 -1.40
C GLY A 1 3.78 -7.79 -2.22
N SER A 2 4.08 -6.54 -1.89
CA SER A 2 3.49 -5.40 -2.60
C SER A 2 3.85 -4.09 -1.90
N LYS A 3 4.95 -3.48 -2.33
CA LYS A 3 5.40 -2.23 -1.74
C LYS A 3 4.22 -1.32 -1.41
N ARG A 4 4.10 -0.97 -0.13
CA ARG A 4 3.02 -0.09 0.30
C ARG A 4 3.06 1.21 -0.47
N PHE A 5 1.94 1.58 -1.08
CA PHE A 5 1.86 2.80 -1.86
C PHE A 5 0.67 3.66 -1.44
N ARG A 6 0.95 4.79 -0.81
CA ARG A 6 -0.11 5.69 -0.37
C ARG A 6 -0.41 6.71 -1.46
N PHE A 7 -1.66 6.71 -1.92
CA PHE A 7 -2.08 7.63 -2.98
C PHE A 7 -3.43 8.28 -2.62
N PRO A 9 -7.13 8.76 -0.89
CA PRO A 9 -8.21 7.79 -0.55
C PRO A 9 -7.91 6.39 -1.09
N GLU A 10 -6.84 6.28 -1.87
CA GLU A 10 -6.44 5.00 -2.45
C GLU A 10 -5.18 4.48 -1.77
N ILE A 11 -5.35 3.83 -0.62
CA ILE A 11 -4.21 3.28 0.11
C ILE A 11 -3.93 1.85 -0.30
N ILE A 12 -2.65 1.47 -0.28
CA ILE A 12 -2.26 0.12 -0.67
C ILE A 12 -1.26 -0.42 0.34
N PHE A 13 -1.56 -0.27 1.62
CA PHE A 13 -0.68 -0.74 2.68
C PHE A 13 -0.86 -2.24 2.90
N ASN A 14 0.17 -3.01 2.54
CA ASN A 14 0.13 -4.45 2.70
C ASN A 14 1.52 -5.05 2.56
N GLU A 15 2.27 -5.05 3.66
CA GLU A 15 3.62 -5.59 3.65
C GLU A 15 3.60 -7.11 3.56
N ARG A 16 3.23 -7.62 2.39
CA ARG A 16 3.15 -9.06 2.17
C ARG A 16 3.30 -9.38 0.69
N GLY A 1 4.99 -6.87 2.86
CA GLY A 1 6.19 -7.40 2.22
C GLY A 1 6.09 -7.30 0.70
N SER A 2 5.60 -6.15 0.22
CA SER A 2 5.46 -5.93 -1.21
C SER A 2 6.00 -4.57 -1.60
N LYS A 3 5.10 -3.63 -1.83
CA LYS A 3 5.48 -2.27 -2.20
C LYS A 3 4.38 -1.28 -1.85
N ARG A 4 4.36 -0.84 -0.59
CA ARG A 4 3.35 0.10 -0.14
C ARG A 4 3.32 1.33 -1.06
N PHE A 5 2.13 1.66 -1.55
CA PHE A 5 1.97 2.81 -2.44
C PHE A 5 0.73 3.62 -2.05
N ARG A 6 0.95 4.71 -1.32
CA ARG A 6 -0.14 5.57 -0.90
C ARG A 6 -0.69 6.35 -2.08
N PHE A 7 -1.94 6.79 -1.96
CA PHE A 7 -2.58 7.55 -3.03
C PHE A 7 -3.87 8.20 -2.54
N PRO A 9 -7.27 8.89 -0.28
CA PRO A 9 -8.23 7.95 0.38
C PRO A 9 -8.00 6.50 -0.04
N GLU A 10 -7.10 6.31 -1.00
CA GLU A 10 -6.78 4.98 -1.49
C GLU A 10 -5.33 4.62 -1.15
N ILE A 11 -5.15 3.74 -0.18
CA ILE A 11 -3.80 3.33 0.24
C ILE A 11 -3.56 1.87 -0.15
N ILE A 12 -2.31 1.55 -0.48
CA ILE A 12 -1.95 0.20 -0.87
C ILE A 12 -0.92 -0.39 0.09
N PHE A 13 -1.23 -0.31 1.38
CA PHE A 13 -0.33 -0.83 2.40
C PHE A 13 -0.48 -2.34 2.52
N ASN A 14 -1.16 -2.94 1.55
CA ASN A 14 -1.36 -4.38 1.55
C ASN A 14 -0.04 -5.12 1.39
N GLU A 15 0.02 -6.35 1.89
CA GLU A 15 1.24 -7.15 1.80
C GLU A 15 2.45 -6.31 2.21
N ARG A 16 2.54 -6.00 3.49
CA ARG A 16 3.65 -5.21 4.00
C ARG A 16 4.96 -5.65 3.37
N GLY A 1 -0.24 -7.00 -2.98
CA GLY A 1 1.15 -7.47 -3.05
C GLY A 1 1.91 -7.09 -1.78
N SER A 2 2.68 -6.00 -1.85
CA SER A 2 3.46 -5.56 -0.70
C SER A 2 4.19 -4.26 -1.01
N LYS A 3 3.62 -3.47 -1.92
CA LYS A 3 4.23 -2.20 -2.29
C LYS A 3 3.50 -1.04 -1.60
N ARG A 4 4.15 -0.46 -0.59
CA ARG A 4 3.56 0.65 0.14
C ARG A 4 3.45 1.89 -0.75
N PHE A 5 2.39 1.94 -1.54
CA PHE A 5 2.17 3.06 -2.44
C PHE A 5 0.92 3.85 -2.01
N ARG A 6 1.13 4.77 -1.07
CA ARG A 6 0.03 5.59 -0.58
C ARG A 6 -0.51 6.50 -1.68
N PHE A 7 -1.79 6.83 -1.60
CA PHE A 7 -2.42 7.68 -2.61
C PHE A 7 -3.68 8.37 -2.06
N PRO A 9 -7.20 8.97 -0.90
CA PRO A 9 -8.45 8.15 -0.98
C PRO A 9 -8.17 6.68 -1.26
N GLU A 10 -6.94 6.39 -1.67
CA GLU A 10 -6.55 5.01 -1.97
C GLU A 10 -5.19 4.70 -1.35
N ILE A 11 -5.02 3.46 -0.90
CA ILE A 11 -3.76 3.05 -0.29
C ILE A 11 -3.40 1.64 -0.71
N ILE A 12 -2.12 1.44 -1.07
CA ILE A 12 -1.65 0.13 -1.49
C ILE A 12 -0.76 -0.47 -0.40
N PHE A 13 -1.33 -0.66 0.78
CA PHE A 13 -0.59 -1.23 1.90
C PHE A 13 -0.70 -2.75 1.91
N ASN A 14 -0.06 -3.37 2.90
CA ASN A 14 -0.08 -4.84 3.01
C ASN A 14 -1.45 -5.39 2.62
N GLU A 15 -1.61 -5.71 1.34
CA GLU A 15 -2.86 -6.25 0.84
C GLU A 15 -2.63 -7.11 -0.39
N ARG A 16 -2.84 -6.52 -1.55
CA ARG A 16 -2.64 -7.24 -2.81
C ARG A 16 -1.25 -7.86 -2.87
N GLY A 1 0.25 -5.95 -4.17
CA GLY A 1 1.27 -5.61 -5.16
C GLY A 1 2.63 -6.15 -4.73
N SER A 2 3.28 -5.42 -3.81
CA SER A 2 4.59 -5.83 -3.31
C SER A 2 5.28 -4.67 -2.61
N LYS A 3 4.81 -3.47 -2.88
CA LYS A 3 5.39 -2.27 -2.27
C LYS A 3 4.30 -1.29 -1.87
N ARG A 4 4.15 -1.06 -0.57
CA ARG A 4 3.14 -0.14 -0.07
C ARG A 4 3.15 1.15 -0.89
N PHE A 5 1.96 1.58 -1.32
CA PHE A 5 1.85 2.80 -2.10
C PHE A 5 0.67 3.65 -1.63
N ARG A 6 0.97 4.74 -0.92
CA ARG A 6 -0.07 5.62 -0.41
C ARG A 6 -0.51 6.60 -1.50
N PHE A 7 -1.82 6.87 -1.54
CA PHE A 7 -2.36 7.80 -2.52
C PHE A 7 -3.62 8.51 -1.99
N PRO A 9 -7.12 9.25 -1.15
CA PRO A 9 -8.42 8.56 -1.43
C PRO A 9 -8.23 7.07 -1.68
N GLU A 10 -7.01 6.67 -1.98
CA GLU A 10 -6.69 5.27 -2.24
C GLU A 10 -5.36 4.89 -1.60
N ILE A 11 -5.27 3.65 -1.13
CA ILE A 11 -4.04 3.18 -0.49
C ILE A 11 -3.89 1.67 -0.68
N ILE A 12 -2.65 1.21 -0.68
CA ILE A 12 -2.38 -0.22 -0.84
C ILE A 12 -1.27 -0.65 0.11
N PHE A 13 -1.58 -0.65 1.41
CA PHE A 13 -0.62 -1.04 2.42
C PHE A 13 -0.66 -2.54 2.66
N ASN A 14 -1.46 -3.23 1.86
CA ASN A 14 -1.58 -4.68 1.99
C ASN A 14 -0.44 -5.40 1.28
N GLU A 15 -0.56 -6.71 1.14
CA GLU A 15 0.47 -7.50 0.48
C GLU A 15 -0.02 -7.97 -0.89
N ARG A 16 -0.70 -7.08 -1.60
CA ARG A 16 -1.22 -7.42 -2.92
C ARG A 16 -0.15 -7.20 -3.99
N GLY A 1 4.78 -6.32 2.29
CA GLY A 1 4.95 -5.69 0.99
C GLY A 1 5.51 -4.28 1.13
N SER A 2 6.84 -4.15 1.04
CA SER A 2 7.48 -2.85 1.16
C SER A 2 7.09 -1.95 0.00
N LYS A 3 6.17 -2.42 -0.83
CA LYS A 3 5.72 -1.64 -1.98
C LYS A 3 4.64 -0.64 -1.57
N ARG A 4 4.63 -0.28 -0.29
CA ARG A 4 3.64 0.67 0.22
C ARG A 4 3.44 1.81 -0.77
N PHE A 5 2.23 1.94 -1.29
CA PHE A 5 1.92 2.99 -2.26
C PHE A 5 0.69 3.78 -1.84
N ARG A 6 0.93 4.94 -1.24
CA ARG A 6 -0.16 5.79 -0.78
C ARG A 6 -0.69 6.64 -1.94
N PHE A 7 -2.00 6.86 -1.96
CA PHE A 7 -2.61 7.67 -3.01
C PHE A 7 -3.89 8.35 -2.52
N PRO A 9 -7.27 8.56 -0.81
CA PRO A 9 -8.29 7.62 -0.29
C PRO A 9 -7.94 6.17 -0.61
N GLU A 10 -6.94 5.99 -1.47
CA GLU A 10 -6.51 4.66 -1.87
C GLU A 10 -5.04 4.46 -1.52
N ILE A 11 -4.75 3.37 -0.81
CA ILE A 11 -3.38 3.07 -0.42
C ILE A 11 -3.09 1.59 -0.55
N ILE A 12 -1.88 1.26 -1.00
CA ILE A 12 -1.48 -0.14 -1.16
C ILE A 12 -0.58 -0.56 -0.01
N PHE A 13 -1.13 -0.54 1.21
CA PHE A 13 -0.37 -0.92 2.39
C PHE A 13 -0.72 -2.34 2.81
N ASN A 14 0.14 -2.94 3.64
CA ASN A 14 -0.08 -4.29 4.11
C ASN A 14 1.02 -4.72 5.07
N GLU A 15 0.77 -5.79 5.81
CA GLU A 15 1.76 -6.29 6.76
C GLU A 15 2.84 -7.09 6.04
N ARG A 16 2.77 -7.08 4.71
CA ARG A 16 3.76 -7.81 3.91
C ARG A 16 3.83 -7.22 2.51
N GLY A 1 4.72 -7.30 0.61
CA GLY A 1 6.01 -7.32 -0.07
C GLY A 1 6.15 -6.13 -1.02
N SER A 2 5.04 -5.46 -1.28
CA SER A 2 5.04 -4.30 -2.16
C SER A 2 5.26 -3.01 -1.37
N LYS A 3 5.50 -3.16 -0.07
CA LYS A 3 5.72 -2.01 0.80
C LYS A 3 4.54 -1.04 0.70
N ARG A 4 4.45 -0.14 1.68
CA ARG A 4 3.37 0.84 1.68
C ARG A 4 3.35 1.62 0.38
N PHE A 5 2.20 1.60 -0.30
CA PHE A 5 2.06 2.29 -1.56
C PHE A 5 0.81 3.18 -1.57
N ARG A 6 1.02 4.48 -1.35
CA ARG A 6 -0.08 5.44 -1.35
C ARG A 6 -0.88 5.32 -2.65
N PHE A 7 -2.11 5.83 -2.65
CA PHE A 7 -2.94 5.77 -3.85
C PHE A 7 -4.20 6.64 -3.70
N PRO A 9 -7.33 8.72 -1.97
CA PRO A 9 -8.18 8.43 -0.77
C PRO A 9 -7.95 7.02 -0.23
N GLU A 10 -7.17 6.24 -0.97
CA GLU A 10 -6.86 4.87 -0.57
C GLU A 10 -5.34 4.69 -0.51
N ILE A 11 -4.90 3.78 0.34
CA ILE A 11 -3.47 3.52 0.49
C ILE A 11 -3.19 2.04 0.74
N ILE A 12 -2.05 1.57 0.26
CA ILE A 12 -1.68 0.18 0.45
C ILE A 12 -0.80 0.04 1.69
N PHE A 13 -1.28 0.59 2.80
CA PHE A 13 -0.54 0.53 4.06
C PHE A 13 -0.75 -0.82 4.74
N ASN A 14 -0.11 -1.85 4.21
CA ASN A 14 -0.24 -3.19 4.76
C ASN A 14 1.07 -3.95 4.64
N GLU A 15 0.98 -5.26 4.43
CA GLU A 15 2.17 -6.09 4.30
C GLU A 15 1.96 -7.17 3.26
N ARG A 16 2.57 -7.02 2.08
CA ARG A 16 2.44 -7.99 1.02
C ARG A 16 3.74 -8.11 0.22
N GLY A 1 4.16 -7.06 1.46
CA GLY A 1 3.68 -6.37 0.27
C GLY A 1 4.63 -5.24 -0.12
N SER A 2 5.60 -5.54 -0.98
CA SER A 2 6.56 -4.54 -1.41
C SER A 2 5.87 -3.40 -2.16
N LYS A 3 4.55 -3.47 -2.24
CA LYS A 3 3.78 -2.44 -2.92
C LYS A 3 3.69 -1.18 -2.08
N ARG A 4 2.98 -1.27 -0.96
CA ARG A 4 2.83 -0.13 -0.06
C ARG A 4 2.52 1.13 -0.86
N PHE A 5 1.23 1.46 -0.94
CA PHE A 5 0.79 2.65 -1.66
C PHE A 5 0.07 3.62 -0.72
N ARG A 6 0.54 4.86 -0.69
CA ARG A 6 -0.07 5.87 0.17
C ARG A 6 -0.28 7.17 -0.60
N PHE A 7 -1.50 7.38 -1.07
CA PHE A 7 -1.82 8.58 -1.82
C PHE A 7 -3.35 8.81 -1.88
N PRO A 9 -7.24 8.04 -2.07
CA PRO A 9 -8.03 6.86 -2.55
C PRO A 9 -7.15 5.69 -2.94
N GLU A 10 -5.84 5.92 -3.00
CA GLU A 10 -4.90 4.87 -3.36
C GLU A 10 -4.09 4.45 -2.13
N ILE A 11 -4.78 3.92 -1.12
CA ILE A 11 -4.12 3.49 0.11
C ILE A 11 -4.01 1.97 0.15
N ILE A 12 -2.78 1.47 0.30
CA ILE A 12 -2.55 0.03 0.36
C ILE A 12 -1.40 -0.29 1.31
N PHE A 13 -1.53 0.16 2.55
CA PHE A 13 -0.49 -0.08 3.55
C PHE A 13 -0.69 -1.43 4.22
N ASN A 14 0.39 -2.21 4.31
CA ASN A 14 0.32 -3.53 4.92
C ASN A 14 1.71 -4.13 5.07
N GLU A 15 1.78 -5.31 5.66
CA GLU A 15 3.06 -5.98 5.86
C GLU A 15 3.54 -6.61 4.55
N ARG A 16 3.60 -7.93 4.50
CA ARG A 16 4.04 -8.63 3.30
C ARG A 16 3.43 -7.99 2.06
N GLY A 1 6.63 -6.22 2.01
CA GLY A 1 7.73 -5.84 1.13
C GLY A 1 7.74 -4.33 0.89
N SER A 2 7.33 -3.58 1.91
CA SER A 2 7.29 -2.12 1.80
C SER A 2 6.57 -1.70 0.52
N LYS A 3 5.33 -2.16 0.36
CA LYS A 3 4.55 -1.82 -0.82
C LYS A 3 3.61 -0.66 -0.54
N ARG A 4 4.07 0.29 0.28
CA ARG A 4 3.26 1.45 0.61
C ARG A 4 2.55 1.99 -0.62
N PHE A 5 1.33 1.50 -0.84
CA PHE A 5 0.55 1.92 -1.99
C PHE A 5 -0.20 3.22 -1.68
N ARG A 6 0.45 4.10 -0.91
CA ARG A 6 -0.15 5.38 -0.56
C ARG A 6 -0.54 6.15 -1.82
N PHE A 7 -1.77 6.64 -1.85
CA PHE A 7 -2.25 7.39 -3.01
C PHE A 7 -3.43 8.29 -2.65
N PRO A 9 -6.81 9.39 -2.02
CA PRO A 9 -8.14 8.71 -2.13
C PRO A 9 -8.03 7.20 -2.02
N GLU A 10 -6.81 6.70 -2.13
CA GLU A 10 -6.56 5.27 -2.04
C GLU A 10 -5.21 5.00 -1.36
N ILE A 11 -5.17 3.95 -0.55
CA ILE A 11 -3.94 3.60 0.15
C ILE A 11 -3.95 2.12 0.51
N ILE A 12 -2.83 1.43 0.28
CA ILE A 12 -2.74 0.02 0.60
C ILE A 12 -1.33 -0.34 1.08
N PHE A 13 -1.26 -0.97 2.25
CA PHE A 13 0.02 -1.35 2.84
C PHE A 13 0.14 -2.86 2.96
N ASN A 14 -0.84 -3.57 2.41
CA ASN A 14 -0.85 -5.02 2.47
C ASN A 14 0.46 -5.59 1.92
N GLU A 15 0.56 -6.92 1.88
CA GLU A 15 1.77 -7.56 1.37
C GLU A 15 2.99 -7.14 2.19
N ARG A 16 3.93 -8.06 2.36
CA ARG A 16 5.14 -7.77 3.12
C ARG A 16 6.31 -7.49 2.19
#